data_6AKY
#
_entry.id   6AKY
#
_cell.length_a   35.585
_cell.length_b   101.483
_cell.length_c   136.569
_cell.angle_alpha   90.00
_cell.angle_beta   90.00
_cell.angle_gamma   90.00
#
_symmetry.space_group_name_H-M   'P 2 21 21'
#
loop_
_entity.id
_entity.type
_entity.pdbx_description
1 polymer 'C-C chemokine receptor type 5,Rubredoxin,C-C chemokine receptor type 5'
2 non-polymer 'ZINC ION'
3 non-polymer '(2R)-2,3-dihydroxypropyl (9Z)-octadec-9-enoate'
4 non-polymer 4,4-difluoro-N-[(1S)-3-{(3-exo)-3-[3-methyl-5-(propan-2-yl)-4H-1,2,4-triazol-4-yl]-8-azabicyclo[3.2.1]octan-8-yl}-1-(thiophen-3-yl)propyl]cyclohexane-1-carboxamide
#
_entity_poly.entity_id   1
_entity_poly.type   'polypeptide(L)'
_entity_poly.pdbx_seq_one_letter_code
;GAPDYQVSSPIYDINYYTSEPCQKINVKQIAARLLPPLYSLVFIFGFVGNMLVILILINYKRLKSMTDIYLLNLAISDLF
FLLTVPFWAHYAAAQWDFGNTMCQLLTGLYFIGFFSGIFFIILLTIDRYLAVVHAVFALKARTVTFGVVTSVITWVVAVF
ASLPNIIFTRSQKEGLHYTCSSHFPYSQYQFWKNFQTLKIVILGLVLPLLVMVICYSGILKTLLRMKKYTCTVCGYIYNP
EDGDPDNGVNPGTDFKDIPDDWVCPLCGVGKDQFEEVEEEKKRHRDVRLIFTIMIVYFLFWAPYNIVLLLNTFQEFFGLN
NCSSSNRLDQAMQVTETLGMTHCCINPIIYAFVGEEFRNYLLVFFQKHIAKRGRPLEVLFQ
;
_entity_poly.pdbx_strand_id   A
#
# COMPACT_ATOMS: atom_id res chain seq x y z
N CYS A 22 9.76 19.11 33.74
CA CYS A 22 9.95 18.39 32.49
C CYS A 22 10.52 19.27 31.37
N GLN A 23 11.24 18.65 30.42
CA GLN A 23 11.87 19.27 29.25
C GLN A 23 12.11 18.25 28.12
N LYS A 24 11.85 18.67 26.86
CA LYS A 24 12.05 17.85 25.65
C LYS A 24 13.55 17.68 25.29
N ILE A 25 13.86 16.70 24.43
CA ILE A 25 15.21 16.35 23.98
C ILE A 25 15.58 17.06 22.64
N ASN A 26 16.87 17.42 22.49
CA ASN A 26 17.43 18.05 21.30
C ASN A 26 18.00 16.96 20.38
N VAL A 27 17.32 16.73 19.25
CA VAL A 27 17.70 15.72 18.26
C VAL A 27 18.32 16.35 17.00
N LYS A 28 18.33 17.71 16.91
CA LYS A 28 18.89 18.48 15.80
C LYS A 28 20.33 18.09 15.46
N GLN A 29 21.19 17.94 16.48
CA GLN A 29 22.59 17.53 16.33
C GLN A 29 22.71 16.15 15.65
N ILE A 30 21.87 15.19 16.03
CA ILE A 30 21.87 13.84 15.45
C ILE A 30 21.28 13.88 14.02
N ALA A 31 20.04 14.43 13.88
CA ALA A 31 19.29 14.51 12.62
C ALA A 31 20.00 15.27 11.48
N ALA A 32 20.80 16.31 11.82
CA ALA A 32 21.56 17.08 10.82
C ALA A 32 22.74 16.30 10.23
N ARG A 33 23.12 15.20 10.89
CA ARG A 33 24.20 14.32 10.46
C ARG A 33 23.64 13.05 9.77
N LEU A 34 22.58 12.47 10.36
CA LEU A 34 21.96 11.23 9.93
C LEU A 34 20.95 11.33 8.76
N LEU A 35 20.07 12.37 8.76
CA LEU A 35 19.02 12.50 7.74
C LEU A 35 19.50 12.95 6.33
N PRO A 36 20.32 14.04 6.13
CA PRO A 36 20.72 14.40 4.74
C PRO A 36 21.37 13.30 3.88
N PRO A 37 22.32 12.41 4.31
CA PRO A 37 22.83 11.39 3.38
C PRO A 37 21.84 10.25 3.18
N LEU A 38 21.04 9.94 4.21
CA LEU A 38 20.02 8.90 4.15
C LEU A 38 18.93 9.28 3.16
N TYR A 39 18.38 10.51 3.28
CA TYR A 39 17.34 11.05 2.42
C TYR A 39 17.83 11.16 0.97
N SER A 40 19.05 11.68 0.74
CA SER A 40 19.65 11.83 -0.59
C SER A 40 19.71 10.49 -1.33
N LEU A 41 20.12 9.40 -0.64
CA LEU A 41 20.21 8.05 -1.23
C LEU A 41 18.84 7.45 -1.53
N VAL A 42 17.86 7.61 -0.61
CA VAL A 42 16.47 7.17 -0.80
C VAL A 42 15.92 7.91 -2.04
N PHE A 43 16.36 9.18 -2.23
CA PHE A 43 15.99 10.00 -3.37
C PHE A 43 16.63 9.42 -4.65
N ILE A 44 17.97 9.22 -4.69
CA ILE A 44 18.70 8.70 -5.85
C ILE A 44 18.07 7.39 -6.30
N PHE A 45 18.00 6.42 -5.39
CA PHE A 45 17.47 5.07 -5.61
C PHE A 45 15.97 5.04 -5.88
N GLY A 46 15.24 6.04 -5.41
CA GLY A 46 13.81 6.14 -5.61
C GLY A 46 13.41 6.82 -6.91
N PHE A 47 14.08 7.93 -7.25
CA PHE A 47 13.83 8.70 -8.46
C PHE A 47 14.18 7.86 -9.66
N VAL A 48 15.35 7.20 -9.62
CA VAL A 48 15.85 6.31 -10.67
C VAL A 48 14.93 5.09 -10.77
N GLY A 49 14.68 4.43 -9.61
CA GLY A 49 13.81 3.27 -9.50
C GLY A 49 12.41 3.50 -10.03
N ASN A 50 11.79 4.64 -9.68
CA ASN A 50 10.43 4.97 -10.09
C ASN A 50 10.33 5.41 -11.53
N MET A 51 11.34 6.17 -12.02
CA MET A 51 11.36 6.63 -13.41
C MET A 51 11.50 5.46 -14.36
N LEU A 52 12.29 4.45 -13.95
CA LEU A 52 12.47 3.21 -14.70
C LEU A 52 11.10 2.52 -14.84
N VAL A 53 10.33 2.47 -13.74
CA VAL A 53 8.98 1.91 -13.69
C VAL A 53 8.02 2.69 -14.61
N ILE A 54 7.93 4.03 -14.45
CA ILE A 54 7.06 4.91 -15.25
C ILE A 54 7.33 4.72 -16.75
N LEU A 55 8.62 4.72 -17.15
CA LEU A 55 9.05 4.54 -18.53
C LEU A 55 8.70 3.15 -19.09
N ILE A 56 9.07 2.07 -18.39
CA ILE A 56 8.81 0.68 -18.81
C ILE A 56 7.29 0.41 -18.98
N LEU A 57 6.43 1.01 -18.13
CA LEU A 57 4.98 0.84 -18.21
C LEU A 57 4.34 1.43 -19.47
N ILE A 58 4.95 2.49 -20.02
CA ILE A 58 4.49 3.17 -21.22
C ILE A 58 5.24 2.70 -22.49
N ASN A 59 6.58 2.59 -22.41
CA ASN A 59 7.47 2.22 -23.53
C ASN A 59 7.60 0.71 -23.78
N TYR A 60 7.25 -0.16 -22.80
CA TYR A 60 7.34 -1.61 -22.98
C TYR A 60 5.99 -2.30 -22.78
N LYS A 61 5.38 -2.12 -21.58
CA LYS A 61 4.09 -2.71 -21.18
C LYS A 61 2.93 -2.12 -21.98
N ARG A 62 3.05 -0.83 -22.33
CA ARG A 62 2.14 -0.02 -23.16
C ARG A 62 0.69 0.13 -22.60
N LEU A 63 0.55 0.31 -21.27
CA LEU A 63 -0.72 0.52 -20.56
C LEU A 63 -1.94 -0.16 -21.22
N LYS A 64 -2.00 -1.49 -21.13
CA LYS A 64 -3.04 -2.34 -21.74
C LYS A 64 -4.29 -2.54 -20.86
N SER A 65 -4.11 -2.56 -19.53
CA SER A 65 -5.21 -2.81 -18.59
C SER A 65 -5.45 -1.68 -17.59
N MET A 66 -6.38 -1.91 -16.66
CA MET A 66 -6.74 -0.99 -15.56
C MET A 66 -5.62 -0.99 -14.52
N THR A 67 -4.97 -2.15 -14.32
CA THR A 67 -3.85 -2.35 -13.40
C THR A 67 -2.71 -1.40 -13.78
N ASP A 68 -2.42 -1.31 -15.09
CA ASP A 68 -1.36 -0.47 -15.68
C ASP A 68 -1.58 1.02 -15.41
N ILE A 69 -2.84 1.48 -15.47
CA ILE A 69 -3.24 2.86 -15.16
C ILE A 69 -3.03 3.15 -13.63
N TYR A 70 -3.50 2.23 -12.74
CA TYR A 70 -3.34 2.36 -11.28
C TYR A 70 -1.88 2.28 -10.84
N LEU A 71 -1.09 1.33 -11.40
CA LEU A 71 0.35 1.18 -11.11
C LEU A 71 1.15 2.40 -11.55
N LEU A 72 0.72 3.07 -12.66
CA LEU A 72 1.35 4.27 -13.21
C LEU A 72 1.16 5.43 -12.25
N ASN A 73 -0.09 5.62 -11.79
CA ASN A 73 -0.47 6.64 -10.83
C ASN A 73 0.14 6.39 -9.44
N LEU A 74 0.42 5.12 -9.12
CA LEU A 74 1.07 4.72 -7.86
C LEU A 74 2.56 5.12 -7.89
N ALA A 75 3.17 5.07 -9.08
CA ALA A 75 4.56 5.44 -9.31
C ALA A 75 4.70 6.97 -9.38
N ILE A 76 3.62 7.69 -9.78
CA ILE A 76 3.56 9.16 -9.86
C ILE A 76 3.45 9.70 -8.44
N SER A 77 2.61 9.05 -7.59
CA SER A 77 2.39 9.41 -6.19
C SER A 77 3.69 9.27 -5.40
N ASP A 78 4.53 8.28 -5.80
CA ASP A 78 5.85 7.99 -5.22
C ASP A 78 6.86 9.05 -5.62
N LEU A 79 6.85 9.46 -6.90
CA LEU A 79 7.72 10.50 -7.44
C LEU A 79 7.41 11.86 -6.82
N PHE A 80 6.11 12.12 -6.59
CA PHE A 80 5.58 13.31 -5.94
C PHE A 80 6.18 13.37 -4.51
N PHE A 81 6.15 12.23 -3.80
CA PHE A 81 6.71 12.02 -2.46
C PHE A 81 8.23 12.23 -2.53
N LEU A 82 8.88 11.68 -3.57
CA LEU A 82 10.32 11.79 -3.80
C LEU A 82 10.80 13.22 -4.08
N LEU A 83 9.96 14.03 -4.76
CA LEU A 83 10.33 15.41 -5.08
C LEU A 83 10.57 16.27 -3.83
N THR A 84 9.86 15.96 -2.71
CA THR A 84 9.94 16.65 -1.42
C THR A 84 11.15 16.24 -0.58
N VAL A 85 11.67 15.03 -0.81
CA VAL A 85 12.78 14.43 -0.08
C VAL A 85 14.03 15.32 -0.03
N PRO A 86 14.58 15.87 -1.16
CA PRO A 86 15.81 16.71 -1.05
C PRO A 86 15.65 18.00 -0.24
N PHE A 87 14.40 18.51 -0.18
CA PHE A 87 14.03 19.69 0.59
C PHE A 87 14.08 19.38 2.09
N TRP A 88 13.63 18.17 2.50
CA TRP A 88 13.65 17.68 3.89
C TRP A 88 15.07 17.45 4.37
N ALA A 89 15.95 16.97 3.45
CA ALA A 89 17.38 16.72 3.72
C ALA A 89 18.10 18.01 4.03
N HIS A 90 17.80 19.10 3.29
CA HIS A 90 18.36 20.44 3.48
C HIS A 90 17.89 21.05 4.81
N TYR A 91 16.57 20.95 5.09
CA TYR A 91 15.94 21.45 6.32
C TYR A 91 16.51 20.76 7.58
N ALA A 92 16.74 19.44 7.52
CA ALA A 92 17.34 18.65 8.61
C ALA A 92 18.76 19.13 8.92
N ALA A 93 19.56 19.41 7.85
CA ALA A 93 20.97 19.82 7.87
C ALA A 93 21.20 21.27 8.26
N ALA A 94 20.31 22.17 7.81
CA ALA A 94 20.40 23.60 8.06
C ALA A 94 19.05 24.09 8.58
N GLN A 95 18.22 24.73 7.71
CA GLN A 95 16.88 25.27 8.03
C GLN A 95 16.05 25.42 6.73
N TRP A 96 14.84 26.03 6.82
CA TRP A 96 13.98 26.29 5.65
C TRP A 96 14.36 27.56 4.90
N ASP A 97 15.12 27.39 3.80
CA ASP A 97 15.60 28.49 2.96
C ASP A 97 14.78 28.64 1.65
N PHE A 98 13.57 28.02 1.59
CA PHE A 98 12.70 28.00 0.40
C PHE A 98 11.42 28.88 0.50
N GLY A 99 11.18 29.50 1.66
CA GLY A 99 10.03 30.37 1.88
C GLY A 99 8.72 29.64 2.15
N ASN A 100 7.63 30.41 2.27
CA ASN A 100 6.30 29.87 2.58
C ASN A 100 5.66 29.10 1.45
N THR A 101 5.69 29.67 0.22
CA THR A 101 5.10 29.10 -1.00
C THR A 101 5.51 27.64 -1.14
N MET A 102 6.84 27.36 -1.06
CA MET A 102 7.41 26.01 -1.17
C MET A 102 7.05 25.16 0.04
N CYS A 103 7.05 25.74 1.25
CA CYS A 103 6.70 25.03 2.48
C CYS A 103 5.35 24.32 2.41
N GLN A 104 4.31 25.03 1.92
CA GLN A 104 2.96 24.51 1.76
C GLN A 104 2.87 23.55 0.56
N LEU A 105 3.52 23.91 -0.56
CA LEU A 105 3.56 23.15 -1.82
C LEU A 105 4.24 21.81 -1.64
N LEU A 106 5.27 21.73 -0.79
CA LEU A 106 5.99 20.48 -0.56
C LEU A 106 5.28 19.59 0.45
N THR A 107 4.72 20.16 1.54
CA THR A 107 3.92 19.44 2.54
C THR A 107 2.68 18.90 1.81
N GLY A 108 2.20 19.66 0.83
CA GLY A 108 1.09 19.28 -0.05
C GLY A 108 1.38 18.01 -0.83
N LEU A 109 2.47 17.98 -1.63
CA LEU A 109 2.90 16.82 -2.45
C LEU A 109 3.21 15.60 -1.58
N TYR A 110 3.66 15.82 -0.32
CA TYR A 110 3.95 14.80 0.68
C TYR A 110 2.65 14.09 1.09
N PHE A 111 1.62 14.87 1.47
CA PHE A 111 0.29 14.42 1.89
C PHE A 111 -0.46 13.82 0.71
N ILE A 112 -0.53 14.57 -0.44
CA ILE A 112 -1.17 14.12 -1.68
C ILE A 112 -0.50 12.84 -2.16
N GLY A 113 0.83 12.77 -2.01
CA GLY A 113 1.63 11.59 -2.34
C GLY A 113 1.37 10.45 -1.36
N PHE A 114 1.13 10.76 -0.07
CA PHE A 114 0.81 9.75 0.93
C PHE A 114 -0.58 9.14 0.67
N PHE A 115 -1.66 9.97 0.62
CA PHE A 115 -3.04 9.51 0.43
C PHE A 115 -3.28 8.78 -0.90
N SER A 116 -2.96 9.41 -2.04
CA SER A 116 -3.12 8.79 -3.36
C SER A 116 -2.35 7.48 -3.49
N GLY A 117 -1.19 7.39 -2.81
CA GLY A 117 -0.36 6.19 -2.78
C GLY A 117 -1.14 5.00 -2.25
N ILE A 118 -1.76 5.14 -1.08
CA ILE A 118 -2.55 4.05 -0.49
C ILE A 118 -3.87 3.87 -1.26
N PHE A 119 -4.49 4.99 -1.71
CA PHE A 119 -5.72 5.01 -2.48
C PHE A 119 -5.62 4.15 -3.75
N PHE A 120 -4.47 4.22 -4.49
CA PHE A 120 -4.19 3.44 -5.69
C PHE A 120 -3.84 1.97 -5.38
N ILE A 121 -3.33 1.66 -4.16
CA ILE A 121 -3.03 0.28 -3.71
C ILE A 121 -4.36 -0.46 -3.45
N ILE A 122 -5.32 0.26 -2.84
CA ILE A 122 -6.67 -0.21 -2.53
C ILE A 122 -7.42 -0.47 -3.86
N LEU A 123 -7.24 0.43 -4.85
CA LEU A 123 -7.84 0.32 -6.18
C LEU A 123 -7.20 -0.83 -6.97
N LEU A 124 -5.95 -1.20 -6.63
CA LEU A 124 -5.24 -2.33 -7.22
C LEU A 124 -5.69 -3.62 -6.53
N THR A 125 -6.16 -3.53 -5.29
CA THR A 125 -6.66 -4.65 -4.50
C THR A 125 -8.10 -5.00 -4.95
N ILE A 126 -9.00 -3.99 -4.97
CA ILE A 126 -10.40 -4.14 -5.37
C ILE A 126 -10.47 -4.65 -6.82
N ASP A 127 -9.52 -4.17 -7.66
CA ASP A 127 -9.33 -4.54 -9.05
C ASP A 127 -9.13 -6.06 -9.19
N ARG A 128 -8.20 -6.64 -8.40
CA ARG A 128 -7.91 -8.09 -8.37
C ARG A 128 -9.10 -8.87 -7.81
N TYR A 129 -9.88 -8.24 -6.90
CA TYR A 129 -11.08 -8.84 -6.33
C TYR A 129 -12.17 -8.89 -7.42
N LEU A 130 -12.21 -7.86 -8.29
CA LEU A 130 -13.16 -7.79 -9.39
C LEU A 130 -12.76 -8.71 -10.54
N ALA A 131 -11.46 -8.97 -10.73
CA ALA A 131 -10.98 -9.86 -11.79
C ALA A 131 -11.21 -11.33 -11.43
N VAL A 132 -10.83 -11.75 -10.19
CA VAL A 132 -10.98 -13.13 -9.66
C VAL A 132 -12.47 -13.42 -9.42
N VAL A 133 -13.07 -12.81 -8.38
CA VAL A 133 -14.49 -12.94 -8.03
C VAL A 133 -15.25 -12.00 -8.98
N HIS A 134 -16.52 -12.31 -9.33
CA HIS A 134 -17.39 -11.52 -10.24
C HIS A 134 -16.73 -11.38 -11.62
N ALA A 135 -16.16 -12.49 -12.15
CA ALA A 135 -15.46 -12.58 -13.44
C ALA A 135 -16.30 -12.10 -14.63
N VAL A 136 -17.63 -12.23 -14.52
CA VAL A 136 -18.62 -11.81 -15.53
C VAL A 136 -18.72 -10.26 -15.57
N PHE A 137 -18.57 -9.61 -14.39
CA PHE A 137 -18.60 -8.15 -14.23
C PHE A 137 -17.24 -7.55 -14.53
N ALA A 138 -16.16 -8.35 -14.35
CA ALA A 138 -14.76 -7.98 -14.61
C ALA A 138 -14.59 -7.57 -16.06
N LEU A 139 -14.87 -8.49 -17.00
CA LEU A 139 -14.77 -8.29 -18.44
C LEU A 139 -15.68 -7.16 -18.94
N LYS A 140 -16.85 -6.98 -18.30
CA LYS A 140 -17.82 -5.94 -18.62
C LYS A 140 -17.33 -4.55 -18.18
N ALA A 141 -16.91 -4.40 -16.89
CA ALA A 141 -16.46 -3.13 -16.33
C ALA A 141 -15.01 -3.14 -15.79
N ARG A 142 -14.02 -3.13 -16.72
CA ARG A 142 -12.56 -3.08 -16.47
C ARG A 142 -11.83 -2.47 -17.69
N THR A 143 -12.31 -1.30 -18.12
CA THR A 143 -11.77 -0.56 -19.26
C THR A 143 -10.64 0.38 -18.84
N VAL A 144 -9.80 0.78 -19.82
CA VAL A 144 -8.68 1.70 -19.64
C VAL A 144 -9.22 3.11 -19.37
N THR A 145 -10.25 3.55 -20.14
CA THR A 145 -10.91 4.86 -20.03
C THR A 145 -11.53 5.11 -18.66
N PHE A 146 -12.21 4.08 -18.10
CA PHE A 146 -12.83 4.15 -16.77
C PHE A 146 -11.74 4.10 -15.69
N GLY A 147 -10.63 3.42 -16.00
CA GLY A 147 -9.46 3.32 -15.13
C GLY A 147 -8.81 4.67 -14.90
N VAL A 148 -8.79 5.50 -15.96
CA VAL A 148 -8.26 6.87 -15.97
C VAL A 148 -9.25 7.77 -15.23
N VAL A 149 -10.57 7.60 -15.48
CA VAL A 149 -11.65 8.35 -14.84
C VAL A 149 -11.59 8.17 -13.32
N THR A 150 -11.48 6.90 -12.83
CA THR A 150 -11.35 6.60 -11.39
C THR A 150 -10.06 7.18 -10.83
N SER A 151 -9.00 7.22 -11.66
CA SER A 151 -7.69 7.77 -11.29
C SER A 151 -7.74 9.27 -11.13
N VAL A 152 -8.48 9.97 -11.99
CA VAL A 152 -8.67 11.43 -11.93
C VAL A 152 -9.39 11.80 -10.62
N ILE A 153 -10.46 11.09 -10.29
CA ILE A 153 -11.28 11.28 -9.10
C ILE A 153 -10.50 10.85 -7.83
N THR A 154 -9.53 9.90 -7.96
CA THR A 154 -8.70 9.46 -6.85
C THR A 154 -7.71 10.57 -6.46
N TRP A 155 -7.04 11.19 -7.48
CA TRP A 155 -6.10 12.29 -7.27
C TRP A 155 -6.80 13.53 -6.71
N VAL A 156 -8.10 13.70 -7.01
CA VAL A 156 -8.90 14.81 -6.51
C VAL A 156 -9.19 14.59 -5.02
N VAL A 157 -9.71 13.40 -4.64
CA VAL A 157 -10.05 13.01 -3.26
C VAL A 157 -8.81 13.13 -2.36
N ALA A 158 -7.65 12.68 -2.86
CA ALA A 158 -6.36 12.77 -2.16
C ALA A 158 -6.04 14.23 -1.78
N VAL A 159 -6.25 15.18 -2.74
CA VAL A 159 -6.05 16.62 -2.58
C VAL A 159 -6.95 17.19 -1.47
N PHE A 160 -8.25 16.85 -1.49
CA PHE A 160 -9.22 17.29 -0.48
C PHE A 160 -8.89 16.73 0.91
N ALA A 161 -8.34 15.50 0.97
CA ALA A 161 -7.90 14.88 2.23
C ALA A 161 -6.65 15.59 2.82
N SER A 162 -5.74 16.06 1.93
CA SER A 162 -4.48 16.75 2.21
C SER A 162 -4.69 18.20 2.56
N LEU A 163 -5.71 18.83 1.95
CA LEU A 163 -6.10 20.24 2.03
C LEU A 163 -5.98 20.88 3.45
N PRO A 164 -6.57 20.33 4.56
CA PRO A 164 -6.44 21.00 5.87
C PRO A 164 -5.02 21.09 6.39
N ASN A 165 -4.24 20.04 6.12
CA ASN A 165 -2.85 19.90 6.54
C ASN A 165 -1.92 20.86 5.83
N ILE A 166 -2.23 21.23 4.57
CA ILE A 166 -1.47 22.20 3.76
C ILE A 166 -1.73 23.60 4.29
N ILE A 167 -3.00 23.88 4.61
CA ILE A 167 -3.49 25.16 5.13
C ILE A 167 -2.80 25.55 6.44
N PHE A 168 -2.85 24.70 7.46
CA PHE A 168 -2.23 24.98 8.76
C PHE A 168 -0.70 24.82 8.77
N THR A 169 -0.07 24.69 7.60
CA THR A 169 1.37 24.59 7.46
C THR A 169 1.85 25.92 6.91
N ARG A 170 2.88 26.47 7.57
CA ARG A 170 3.52 27.73 7.19
C ARG A 170 4.99 27.70 7.55
N SER A 171 5.77 28.57 6.90
CA SER A 171 7.18 28.69 7.25
C SER A 171 7.35 29.96 8.06
N GLN A 172 7.72 29.82 9.35
CA GLN A 172 7.92 30.95 10.27
C GLN A 172 9.35 31.03 10.83
N LYS A 173 9.81 32.26 11.10
CA LYS A 173 11.12 32.51 11.70
C LYS A 173 10.94 32.50 13.21
N GLU A 174 11.68 31.61 13.89
CA GLU A 174 11.69 31.43 15.34
C GLU A 174 13.06 31.90 15.83
N GLY A 175 13.13 33.12 16.33
CA GLY A 175 14.38 33.72 16.77
C GLY A 175 15.28 33.97 15.57
N LEU A 176 16.34 33.14 15.44
CA LEU A 176 17.30 33.23 14.33
C LEU A 176 17.18 32.09 13.30
N HIS A 177 16.29 31.12 13.55
CA HIS A 177 16.08 29.95 12.69
C HIS A 177 14.70 29.93 12.06
N TYR A 178 14.63 29.55 10.77
CA TYR A 178 13.38 29.38 10.02
C TYR A 178 12.91 27.91 10.13
N THR A 179 11.59 27.73 10.31
CA THR A 179 10.93 26.42 10.40
C THR A 179 9.84 26.28 9.33
N CYS A 180 9.46 25.03 9.01
CA CYS A 180 8.43 24.69 8.04
C CYS A 180 7.64 23.54 8.65
N SER A 181 6.71 23.88 9.54
CA SER A 181 5.89 22.93 10.29
C SER A 181 4.39 23.27 10.30
N SER A 182 3.57 22.35 10.83
CA SER A 182 2.13 22.59 10.93
C SER A 182 1.80 23.20 12.30
N HIS A 183 0.99 24.24 12.29
CA HIS A 183 0.56 24.92 13.52
C HIS A 183 -0.97 25.03 13.47
N PHE A 184 -1.66 24.17 14.22
CA PHE A 184 -3.13 24.14 14.28
C PHE A 184 -3.67 25.32 15.12
N PRO A 185 -4.95 25.74 14.92
CA PRO A 185 -5.47 26.89 15.70
C PRO A 185 -5.56 26.63 17.20
N TYR A 186 -4.92 27.51 18.01
CA TYR A 186 -4.82 27.47 19.48
C TYR A 186 -6.13 27.08 20.20
N SER A 187 -7.25 27.78 19.85
CA SER A 187 -8.58 27.58 20.44
C SER A 187 -9.10 26.14 20.31
N GLN A 188 -8.83 25.50 19.14
CA GLN A 188 -9.24 24.13 18.81
C GLN A 188 -8.01 23.25 18.56
N TYR A 189 -6.94 23.46 19.35
CA TYR A 189 -5.69 22.72 19.15
C TYR A 189 -5.83 21.21 19.36
N GLN A 190 -6.55 20.80 20.42
CA GLN A 190 -6.74 19.38 20.74
C GLN A 190 -7.65 18.66 19.73
N PHE A 191 -8.69 19.35 19.19
CA PHE A 191 -9.60 18.79 18.18
C PHE A 191 -8.88 18.48 16.88
N TRP A 192 -8.09 19.45 16.32
CA TRP A 192 -7.35 19.26 15.08
C TRP A 192 -6.26 18.19 15.21
N LYS A 193 -5.65 18.09 16.41
CA LYS A 193 -4.63 17.09 16.74
C LYS A 193 -5.28 15.70 16.66
N ASN A 194 -6.48 15.54 17.27
CA ASN A 194 -7.24 14.29 17.28
C ASN A 194 -7.84 13.96 15.89
N PHE A 195 -8.43 14.97 15.22
CA PHE A 195 -9.06 14.82 13.90
C PHE A 195 -8.08 14.41 12.82
N GLN A 196 -6.88 15.02 12.79
CA GLN A 196 -5.86 14.67 11.79
C GLN A 196 -5.24 13.31 12.05
N THR A 197 -5.16 12.90 13.34
CA THR A 197 -4.64 11.58 13.78
C THR A 197 -5.52 10.47 13.23
N LEU A 198 -6.85 10.59 13.45
CA LEU A 198 -7.83 9.61 12.98
C LEU A 198 -7.97 9.59 11.45
N LYS A 199 -7.79 10.75 10.77
CA LYS A 199 -7.83 10.86 9.31
C LYS A 199 -6.65 10.11 8.63
N ILE A 200 -5.44 10.21 9.20
CA ILE A 200 -4.24 9.53 8.69
C ILE A 200 -4.31 8.02 9.04
N VAL A 201 -4.61 7.71 10.32
CA VAL A 201 -4.70 6.33 10.82
C VAL A 201 -5.81 5.54 10.07
N ILE A 202 -7.05 6.09 9.98
CA ILE A 202 -8.16 5.43 9.30
C ILE A 202 -7.87 5.26 7.79
N LEU A 203 -7.56 6.34 7.05
CA LEU A 203 -7.26 6.24 5.62
C LEU A 203 -5.95 5.51 5.25
N GLY A 204 -5.04 5.35 6.21
CA GLY A 204 -3.75 4.73 5.94
C GLY A 204 -3.49 3.35 6.51
N LEU A 205 -4.24 2.97 7.56
CA LEU A 205 -4.07 1.68 8.22
C LEU A 205 -5.39 0.94 8.31
N VAL A 206 -6.36 1.45 9.10
CA VAL A 206 -7.68 0.86 9.34
C VAL A 206 -8.43 0.52 8.01
N LEU A 207 -8.72 1.53 7.18
CA LEU A 207 -9.41 1.39 5.88
C LEU A 207 -8.73 0.41 4.92
N PRO A 208 -7.43 0.57 4.55
CA PRO A 208 -6.82 -0.41 3.65
C PRO A 208 -6.71 -1.83 4.25
N LEU A 209 -6.58 -1.92 5.60
CA LEU A 209 -6.49 -3.20 6.30
C LEU A 209 -7.80 -3.98 6.16
N LEU A 210 -8.96 -3.29 6.19
CA LEU A 210 -10.28 -3.90 6.00
C LEU A 210 -10.38 -4.44 4.57
N VAL A 211 -9.94 -3.63 3.58
CA VAL A 211 -9.91 -3.94 2.14
C VAL A 211 -9.00 -5.17 1.89
N MET A 212 -7.84 -5.24 2.57
CA MET A 212 -6.91 -6.36 2.47
C MET A 212 -7.54 -7.64 3.03
N VAL A 213 -8.36 -7.52 4.09
CA VAL A 213 -9.05 -8.67 4.71
C VAL A 213 -10.22 -9.14 3.84
N ILE A 214 -11.16 -8.24 3.51
CA ILE A 214 -12.34 -8.51 2.68
C ILE A 214 -11.98 -9.15 1.33
N CYS A 215 -11.13 -8.46 0.53
CA CYS A 215 -10.73 -8.87 -0.80
C CYS A 215 -9.89 -10.14 -0.87
N TYR A 216 -8.73 -10.18 -0.18
CA TYR A 216 -7.83 -11.34 -0.24
C TYR A 216 -8.40 -12.63 0.33
N SER A 217 -9.35 -12.57 1.26
CA SER A 217 -9.99 -13.78 1.78
C SER A 217 -11.06 -14.23 0.78
N GLY A 218 -11.60 -13.27 0.02
CA GLY A 218 -12.58 -13.51 -1.03
C GLY A 218 -11.95 -14.07 -2.28
N ILE A 219 -10.72 -13.62 -2.59
CA ILE A 219 -9.94 -14.07 -3.75
C ILE A 219 -9.48 -15.51 -3.48
N LEU A 220 -8.86 -15.75 -2.30
CA LEU A 220 -8.34 -17.04 -1.85
C LEU A 220 -9.40 -18.16 -1.89
N LYS A 221 -10.65 -17.83 -1.48
CA LYS A 221 -11.76 -18.78 -1.49
C LYS A 221 -12.25 -19.07 -2.92
N THR A 222 -12.03 -18.14 -3.87
CA THR A 222 -12.39 -18.30 -5.29
C THR A 222 -11.29 -19.10 -6.00
N LEU A 223 -10.05 -18.85 -5.61
CA LEU A 223 -8.88 -19.57 -6.08
C LEU A 223 -8.87 -21.00 -5.64
N LEU A 224 -9.24 -21.22 -4.39
CA LEU A 224 -9.24 -22.54 -3.80
C LEU A 224 -10.21 -23.45 -4.49
N ARG A 225 -11.35 -22.93 -4.87
CA ARG A 225 -12.32 -23.72 -5.55
C ARG A 225 -11.66 -24.25 -6.81
N MET A 226 -10.86 -23.41 -7.46
CA MET A 226 -10.30 -23.73 -8.76
C MET A 226 -9.24 -24.81 -8.80
N LYS A 227 -8.73 -25.21 -7.65
CA LYS A 227 -7.67 -26.20 -7.59
C LYS A 227 -8.12 -27.59 -8.04
N LYS A 228 -7.22 -28.31 -8.70
CA LYS A 228 -7.50 -29.61 -9.25
C LYS A 228 -6.82 -30.69 -8.44
N TYR A 229 -7.52 -31.78 -8.20
CA TYR A 229 -7.03 -32.83 -7.32
C TYR A 229 -6.89 -34.15 -8.05
N THR A 230 -5.72 -34.81 -7.92
CA THR A 230 -5.37 -36.07 -8.56
C THR A 230 -5.46 -37.26 -7.61
N CYS A 231 -5.97 -38.40 -8.09
CA CYS A 231 -6.02 -39.64 -7.34
C CYS A 231 -4.62 -40.24 -7.36
N THR A 232 -4.05 -40.47 -6.18
CA THR A 232 -2.70 -41.04 -6.03
C THR A 232 -2.64 -42.54 -6.40
N VAL A 233 -3.82 -43.23 -6.42
CA VAL A 233 -3.97 -44.66 -6.74
C VAL A 233 -3.90 -44.89 -8.26
N CYS A 234 -4.87 -44.35 -9.03
CA CYS A 234 -4.95 -44.52 -10.49
C CYS A 234 -4.40 -43.33 -11.28
N GLY A 235 -4.74 -42.11 -10.86
CA GLY A 235 -4.33 -40.88 -11.53
C GLY A 235 -5.49 -40.01 -11.99
N TYR A 236 -6.72 -40.30 -11.53
CA TYR A 236 -7.93 -39.55 -11.88
C TYR A 236 -7.81 -38.08 -11.42
N ILE A 237 -7.91 -37.13 -12.38
CA ILE A 237 -7.84 -35.71 -12.07
C ILE A 237 -9.25 -35.13 -12.01
N TYR A 238 -9.68 -34.73 -10.77
CA TYR A 238 -10.98 -34.12 -10.49
C TYR A 238 -10.91 -32.66 -10.93
N ASN A 239 -11.76 -32.27 -11.90
CA ASN A 239 -11.79 -30.88 -12.31
C ASN A 239 -13.04 -30.26 -11.69
N PRO A 240 -12.92 -29.17 -10.86
CA PRO A 240 -14.13 -28.56 -10.23
C PRO A 240 -15.18 -28.09 -11.24
N GLU A 241 -14.71 -27.48 -12.35
CA GLU A 241 -15.47 -26.97 -13.50
C GLU A 241 -16.37 -28.03 -14.16
N ASP A 242 -15.94 -29.33 -14.08
CA ASP A 242 -16.68 -30.49 -14.61
C ASP A 242 -17.49 -31.19 -13.52
N GLY A 243 -16.96 -31.20 -12.29
CA GLY A 243 -17.57 -31.86 -11.16
C GLY A 243 -17.62 -33.36 -11.38
N ASP A 244 -18.72 -34.01 -10.95
CA ASP A 244 -18.97 -35.44 -11.11
C ASP A 244 -20.51 -35.64 -11.08
N PRO A 245 -21.22 -35.30 -12.18
CA PRO A 245 -22.70 -35.39 -12.18
C PRO A 245 -23.31 -36.77 -11.90
N ASP A 246 -22.65 -37.85 -12.35
CA ASP A 246 -23.10 -39.23 -12.17
C ASP A 246 -23.33 -39.59 -10.69
N ASN A 247 -22.38 -39.17 -9.83
CA ASN A 247 -22.41 -39.40 -8.38
C ASN A 247 -23.20 -38.30 -7.64
N GLY A 248 -23.53 -37.22 -8.36
CA GLY A 248 -24.30 -36.09 -7.82
C GLY A 248 -23.49 -34.88 -7.39
N VAL A 249 -22.32 -34.68 -7.98
CA VAL A 249 -21.44 -33.53 -7.71
C VAL A 249 -21.59 -32.53 -8.89
N ASN A 250 -22.34 -31.42 -8.66
CA ASN A 250 -22.61 -30.34 -9.62
C ASN A 250 -21.34 -29.61 -10.12
N PRO A 251 -21.28 -29.13 -11.38
CA PRO A 251 -20.08 -28.39 -11.83
C PRO A 251 -19.88 -27.05 -11.08
N GLY A 252 -18.61 -26.74 -10.81
CA GLY A 252 -18.19 -25.52 -10.12
C GLY A 252 -17.75 -25.78 -8.70
N THR A 253 -18.34 -26.83 -8.08
CA THR A 253 -18.13 -27.30 -6.72
C THR A 253 -16.66 -27.59 -6.40
N ASP A 254 -16.20 -27.06 -5.26
CA ASP A 254 -14.86 -27.25 -4.71
C ASP A 254 -14.73 -28.72 -4.32
N PHE A 255 -13.53 -29.28 -4.48
CA PHE A 255 -13.24 -30.64 -4.07
C PHE A 255 -13.42 -30.78 -2.54
N LYS A 256 -12.91 -29.79 -1.77
CA LYS A 256 -13.01 -29.76 -0.31
C LYS A 256 -14.48 -29.76 0.12
N ASP A 257 -15.34 -29.01 -0.61
CA ASP A 257 -16.79 -28.88 -0.36
C ASP A 257 -17.58 -30.18 -0.59
N ILE A 258 -17.00 -31.18 -1.27
CA ILE A 258 -17.63 -32.46 -1.57
C ILE A 258 -17.73 -33.35 -0.30
N PRO A 259 -18.87 -34.05 -0.06
CA PRO A 259 -18.96 -34.98 1.09
C PRO A 259 -17.87 -36.06 1.06
N ASP A 260 -17.44 -36.51 2.25
CA ASP A 260 -16.40 -37.53 2.39
C ASP A 260 -16.77 -38.91 1.81
N ASP A 261 -18.08 -39.27 1.81
CA ASP A 261 -18.60 -40.54 1.28
C ASP A 261 -18.37 -40.73 -0.25
N TRP A 262 -18.04 -39.65 -0.96
CA TRP A 262 -17.77 -39.68 -2.39
C TRP A 262 -16.49 -40.47 -2.66
N VAL A 263 -16.50 -41.27 -3.75
CA VAL A 263 -15.38 -42.11 -4.17
C VAL A 263 -14.86 -41.76 -5.57
N CYS A 264 -13.67 -42.30 -5.95
CA CYS A 264 -13.06 -42.10 -7.27
C CYS A 264 -13.95 -42.75 -8.34
N PRO A 265 -14.38 -42.01 -9.37
CA PRO A 265 -15.23 -42.62 -10.40
C PRO A 265 -14.54 -43.66 -11.29
N LEU A 266 -13.23 -43.95 -11.05
CA LEU A 266 -12.46 -44.94 -11.81
C LEU A 266 -12.17 -46.20 -10.99
N CYS A 267 -11.54 -46.05 -9.79
CA CYS A 267 -11.19 -47.18 -8.93
C CYS A 267 -12.14 -47.35 -7.73
N GLY A 268 -12.50 -46.25 -7.08
CA GLY A 268 -13.41 -46.24 -5.94
C GLY A 268 -12.77 -45.99 -4.58
N VAL A 269 -11.76 -45.09 -4.53
CA VAL A 269 -11.05 -44.71 -3.30
C VAL A 269 -11.57 -43.36 -2.76
N GLY A 270 -11.48 -43.18 -1.45
CA GLY A 270 -11.90 -41.96 -0.77
C GLY A 270 -11.05 -40.74 -1.06
N LYS A 271 -11.58 -39.55 -0.72
CA LYS A 271 -10.96 -38.22 -0.89
C LYS A 271 -9.57 -38.07 -0.21
N ASP A 272 -9.27 -38.95 0.77
CA ASP A 272 -8.00 -38.95 1.51
C ASP A 272 -6.82 -39.31 0.60
N GLN A 273 -7.03 -40.27 -0.32
CA GLN A 273 -6.01 -40.74 -1.26
C GLN A 273 -6.00 -39.87 -2.53
N PHE A 274 -6.26 -38.55 -2.36
CA PHE A 274 -6.25 -37.52 -3.38
C PHE A 274 -5.28 -36.41 -2.98
N GLU A 275 -4.47 -35.92 -3.94
CA GLU A 275 -3.49 -34.85 -3.67
C GLU A 275 -3.69 -33.62 -4.56
N GLU A 276 -3.20 -32.44 -4.08
CA GLU A 276 -3.32 -31.17 -4.78
C GLU A 276 -2.43 -31.09 -6.04
N VAL A 277 -3.00 -30.67 -7.14
CA VAL A 277 -2.22 -30.56 -8.33
C VAL A 277 -1.45 -29.27 -8.21
N GLU A 278 -0.13 -29.34 -8.40
CA GLU A 278 0.68 -28.15 -8.31
C GLU A 278 0.18 -27.25 -9.38
N GLU A 279 0.10 -25.96 -9.09
CA GLU A 279 -0.44 -25.03 -10.05
C GLU A 279 0.64 -24.14 -10.58
N GLU A 280 0.54 -23.83 -11.86
CA GLU A 280 1.36 -22.79 -12.43
C GLU A 280 0.57 -21.52 -12.14
N LYS A 281 0.86 -20.94 -10.99
CA LYS A 281 0.20 -19.75 -10.58
C LYS A 281 0.99 -18.68 -11.29
N LYS A 282 0.74 -18.56 -12.58
CA LYS A 282 1.24 -17.44 -13.33
C LYS A 282 0.11 -16.54 -13.77
N ARG A 283 -1.13 -17.04 -13.73
CA ARG A 283 -2.34 -16.23 -13.86
C ARG A 283 -2.53 -15.34 -12.63
N HIS A 284 -2.24 -15.97 -11.52
CA HIS A 284 -2.36 -15.49 -10.15
C HIS A 284 -1.08 -14.77 -9.72
N ARG A 285 -0.20 -14.49 -10.70
CA ARG A 285 1.05 -13.75 -10.52
C ARG A 285 0.71 -12.27 -10.36
N ASP A 286 -0.42 -11.84 -10.97
CA ASP A 286 -0.97 -10.49 -10.89
C ASP A 286 -1.44 -10.23 -9.45
N VAL A 287 -2.09 -11.26 -8.84
CA VAL A 287 -2.62 -11.30 -7.48
C VAL A 287 -1.47 -11.37 -6.46
N ARG A 288 -0.44 -12.18 -6.75
CA ARG A 288 0.74 -12.36 -5.90
C ARG A 288 1.58 -11.09 -5.77
N LEU A 289 1.65 -10.27 -6.85
CA LEU A 289 2.43 -9.02 -6.82
C LEU A 289 1.74 -7.91 -6.02
N ILE A 290 0.47 -7.64 -6.35
CA ILE A 290 -0.34 -6.60 -5.71
C ILE A 290 -0.50 -6.90 -4.22
N PHE A 291 -0.46 -8.20 -3.82
CA PHE A 291 -0.51 -8.64 -2.43
C PHE A 291 0.78 -8.26 -1.71
N THR A 292 1.93 -8.31 -2.44
CA THR A 292 3.24 -7.93 -1.90
C THR A 292 3.34 -6.42 -1.74
N ILE A 293 2.77 -5.65 -2.68
CA ILE A 293 2.76 -4.19 -2.60
C ILE A 293 2.05 -3.80 -1.31
N MET A 294 0.84 -4.35 -1.07
CA MET A 294 0.02 -4.08 0.12
C MET A 294 0.65 -4.56 1.41
N ILE A 295 1.23 -5.79 1.42
CA ILE A 295 1.88 -6.36 2.62
C ILE A 295 3.12 -5.53 3.02
N VAL A 296 3.99 -5.20 2.03
CA VAL A 296 5.22 -4.41 2.26
C VAL A 296 4.87 -2.95 2.67
N TYR A 297 3.72 -2.39 2.19
CA TYR A 297 3.24 -1.06 2.58
C TYR A 297 3.02 -1.01 4.11
N PHE A 298 2.45 -2.09 4.67
CA PHE A 298 2.20 -2.24 6.09
C PHE A 298 3.49 -2.45 6.92
N LEU A 299 4.61 -2.88 6.32
CA LEU A 299 5.86 -3.02 7.09
C LEU A 299 6.55 -1.67 7.32
N PHE A 300 6.31 -0.72 6.41
CA PHE A 300 6.90 0.61 6.45
C PHE A 300 5.97 1.67 7.03
N TRP A 301 4.66 1.61 6.71
CA TRP A 301 3.72 2.63 7.16
C TRP A 301 2.92 2.25 8.41
N ALA A 302 2.60 0.95 8.66
CA ALA A 302 1.89 0.59 9.89
C ALA A 302 2.63 0.98 11.19
N PRO A 303 3.99 0.80 11.35
CA PRO A 303 4.64 1.26 12.61
C PRO A 303 4.42 2.73 12.95
N TYR A 304 4.43 3.61 11.93
CA TYR A 304 4.18 5.04 12.12
C TYR A 304 2.74 5.30 12.55
N ASN A 305 1.77 4.65 11.89
CA ASN A 305 0.34 4.79 12.16
C ASN A 305 -0.04 4.42 13.60
N ILE A 306 0.62 3.39 14.16
CA ILE A 306 0.39 2.93 15.53
C ILE A 306 0.90 3.94 16.54
N VAL A 307 2.18 4.36 16.38
CA VAL A 307 2.85 5.36 17.24
C VAL A 307 2.07 6.71 17.21
N LEU A 308 1.55 7.13 16.02
CA LEU A 308 0.74 8.35 15.82
C LEU A 308 -0.51 8.35 16.74
N LEU A 309 -1.16 7.19 16.85
CA LEU A 309 -2.33 7.01 17.70
C LEU A 309 -1.94 6.99 19.18
N LEU A 310 -0.74 6.47 19.49
CA LEU A 310 -0.20 6.37 20.85
C LEU A 310 0.28 7.70 21.40
N ASN A 311 0.91 8.55 20.55
CA ASN A 311 1.45 9.86 20.91
C ASN A 311 0.33 10.90 21.11
N THR A 312 -0.67 10.92 20.19
CA THR A 312 -1.81 11.84 20.23
C THR A 312 -2.72 11.48 21.41
N PHE A 313 -2.96 10.17 21.60
CA PHE A 313 -3.79 9.70 22.69
C PHE A 313 -2.94 9.10 23.82
N GLN A 314 -1.94 9.87 24.30
CA GLN A 314 -1.08 9.41 25.39
C GLN A 314 -1.79 9.55 26.74
N GLU A 315 -2.58 10.63 26.92
CA GLU A 315 -3.35 10.83 28.13
C GLU A 315 -4.60 9.93 28.10
N PHE A 316 -4.97 9.33 29.25
CA PHE A 316 -6.13 8.44 29.45
C PHE A 316 -6.12 7.14 28.60
N PHE A 317 -5.19 7.01 27.63
CA PHE A 317 -5.07 5.84 26.76
C PHE A 317 -3.64 5.26 26.70
N GLY A 318 -2.77 5.69 27.61
CA GLY A 318 -1.39 5.25 27.71
C GLY A 318 -0.59 5.94 28.79
N LEU A 319 0.72 6.17 28.52
CA LEU A 319 1.65 6.83 29.45
C LEU A 319 1.86 8.31 29.10
N ASN A 320 1.39 9.20 29.98
CA ASN A 320 1.46 10.65 29.81
C ASN A 320 2.70 11.29 30.48
N ASN A 321 3.47 10.50 31.29
CA ASN A 321 4.66 10.98 32.01
C ASN A 321 5.75 11.60 31.10
N CYS A 322 6.66 12.41 31.71
CA CYS A 322 7.72 13.15 31.03
C CYS A 322 8.64 12.27 30.16
N SER A 323 9.17 11.18 30.72
CA SER A 323 10.07 10.28 29.99
C SER A 323 9.39 9.59 28.80
N SER A 324 8.21 8.99 29.04
CA SER A 324 7.42 8.28 28.04
C SER A 324 6.96 9.14 26.85
N SER A 325 6.68 10.43 27.09
CA SER A 325 6.24 11.37 26.05
C SER A 325 7.38 11.68 25.08
N ASN A 326 8.60 11.87 25.61
CA ASN A 326 9.80 12.14 24.81
C ASN A 326 10.18 10.92 23.98
N ARG A 327 9.93 9.70 24.52
CA ARG A 327 10.18 8.42 23.86
C ARG A 327 9.21 8.22 22.69
N LEU A 328 7.94 8.66 22.87
CA LEU A 328 6.89 8.56 21.86
C LEU A 328 7.13 9.51 20.69
N ASP A 329 7.60 10.75 20.98
CA ASP A 329 7.91 11.76 19.97
C ASP A 329 9.09 11.32 19.12
N GLN A 330 10.13 10.75 19.76
CA GLN A 330 11.33 10.20 19.12
C GLN A 330 10.96 9.04 18.20
N ALA A 331 10.11 8.10 18.69
CA ALA A 331 9.61 6.92 17.96
C ALA A 331 8.79 7.33 16.73
N MET A 332 8.09 8.50 16.81
CA MET A 332 7.28 9.06 15.72
C MET A 332 8.15 9.55 14.56
N GLN A 333 9.28 10.20 14.86
CA GLN A 333 10.20 10.69 13.84
C GLN A 333 10.87 9.53 13.09
N VAL A 334 11.30 8.50 13.84
CA VAL A 334 11.98 7.28 13.39
C VAL A 334 11.09 6.46 12.47
N THR A 335 9.81 6.28 12.85
CA THR A 335 8.82 5.51 12.09
C THR A 335 8.26 6.28 10.87
N GLU A 336 8.37 7.61 10.85
CA GLU A 336 7.95 8.42 9.70
C GLU A 336 9.10 8.45 8.67
N THR A 337 10.34 8.21 9.16
CA THR A 337 11.57 8.11 8.36
C THR A 337 11.54 6.78 7.59
N LEU A 338 11.05 5.70 8.24
CA LEU A 338 10.90 4.36 7.66
C LEU A 338 9.80 4.38 6.59
N GLY A 339 8.65 4.97 6.92
CA GLY A 339 7.51 5.12 6.02
C GLY A 339 7.87 5.87 4.75
N MET A 340 8.69 6.91 4.88
CA MET A 340 9.18 7.72 3.77
C MET A 340 10.04 6.88 2.81
N THR A 341 10.89 5.98 3.36
CA THR A 341 11.80 5.07 2.64
C THR A 341 11.04 4.16 1.67
N HIS A 342 9.75 3.87 1.96
CA HIS A 342 8.91 2.98 1.16
C HIS A 342 8.71 3.45 -0.29
N CYS A 343 8.84 4.75 -0.58
CA CYS A 343 8.66 5.28 -1.94
C CYS A 343 9.72 4.76 -2.97
N CYS A 344 10.86 4.23 -2.48
CA CYS A 344 11.96 3.64 -3.27
C CYS A 344 11.93 2.10 -3.28
N ILE A 345 11.03 1.50 -2.47
CA ILE A 345 10.88 0.05 -2.27
C ILE A 345 10.04 -0.63 -3.38
N ASN A 346 8.95 0.03 -3.85
CA ASN A 346 8.03 -0.50 -4.88
C ASN A 346 8.73 -1.02 -6.17
N PRO A 347 9.77 -0.36 -6.75
CA PRO A 347 10.42 -0.95 -7.94
C PRO A 347 11.10 -2.29 -7.66
N ILE A 348 11.75 -2.46 -6.47
CA ILE A 348 12.39 -3.71 -6.03
C ILE A 348 11.40 -4.90 -6.04
N ILE A 349 10.14 -4.67 -5.61
CA ILE A 349 9.08 -5.71 -5.60
C ILE A 349 8.78 -6.15 -7.06
N TYR A 350 8.68 -5.18 -8.02
CA TYR A 350 8.41 -5.48 -9.44
C TYR A 350 9.56 -6.28 -10.05
N ALA A 351 10.81 -5.94 -9.70
CA ALA A 351 12.03 -6.58 -10.17
C ALA A 351 12.16 -8.04 -9.76
N PHE A 352 11.56 -8.43 -8.61
CA PHE A 352 11.62 -9.77 -8.04
C PHE A 352 10.35 -10.61 -8.21
N VAL A 353 9.19 -10.05 -7.84
CA VAL A 353 7.90 -10.76 -7.91
C VAL A 353 7.43 -10.86 -9.37
N GLY A 354 7.34 -9.71 -10.05
CA GLY A 354 6.90 -9.64 -11.44
C GLY A 354 7.95 -10.20 -12.38
N GLU A 355 7.56 -11.25 -13.14
CA GLU A 355 8.45 -11.89 -14.11
C GLU A 355 8.65 -11.00 -15.35
N GLU A 356 7.64 -10.16 -15.68
CA GLU A 356 7.59 -9.24 -16.83
C GLU A 356 8.75 -8.23 -16.83
N PHE A 357 9.05 -7.65 -15.64
CA PHE A 357 10.12 -6.66 -15.44
C PHE A 357 11.50 -7.28 -15.67
N ARG A 358 11.65 -8.57 -15.32
CA ARG A 358 12.87 -9.36 -15.50
C ARG A 358 13.15 -9.61 -16.99
N ASN A 359 12.06 -9.82 -17.77
CA ASN A 359 12.10 -10.07 -19.22
C ASN A 359 12.62 -8.86 -20.01
N TYR A 360 12.43 -7.63 -19.48
CA TYR A 360 12.89 -6.39 -20.10
C TYR A 360 14.42 -6.32 -20.16
N LEU A 361 15.10 -6.87 -19.14
CA LEU A 361 16.56 -6.91 -19.04
C LEU A 361 17.08 -8.18 -19.73
#